data_6V4V
#
_entry.id   6V4V
#
_cell.length_a   60.052
_cell.length_b   60.052
_cell.length_c   99.257
_cell.angle_alpha   90.000
_cell.angle_beta   90.000
_cell.angle_gamma   120.000
#
_symmetry.space_group_name_H-M   'P 31 2 1'
#
loop_
_entity.id
_entity.type
_entity.pdbx_description
1 polymer 'BON domain protein'
2 non-polymer 'ZINC ION'
3 water water
#
_entity_poly.entity_id   1
_entity_poly.type   'polypeptide(L)'
_entity_poly.pdbx_seq_one_letter_code
;DSSIKRTANINLYKLDQRFKQSRINIESFHSTVLLTGQVPDPYLKQLAEDNVKA(MSE)SDVKAVHNYITVGNKVSYNTI
(MSE)QDAGVTANTRALL(MSE)KAPVVSDSKVLVHTEDGVLYV(MSE)GRLNTAEINDLNNVLQNVGNVTKIVTLIDNI
DLAPAPAASTASATTTPVINNVLAQPTVQTPVAIDPDQTDPASSAQ
;
_entity_poly.pdbx_strand_id   A
#
loop_
_chem_comp.id
_chem_comp.type
_chem_comp.name
_chem_comp.formula
ZN non-polymer 'ZINC ION' 'Zn 2'
#
# COMPACT_ATOMS: atom_id res chain seq x y z
N ASN A 9 29.16 -2.50 -2.14
CA ASN A 9 28.38 -1.32 -1.78
C ASN A 9 27.63 -0.74 -2.98
N ILE A 10 27.28 -1.61 -3.94
CA ILE A 10 26.60 -1.11 -5.15
C ILE A 10 25.26 -0.50 -4.80
N ASN A 11 24.53 -1.07 -3.83
CA ASN A 11 23.21 -0.50 -3.58
C ASN A 11 23.28 0.84 -2.86
N LEU A 12 24.43 1.24 -2.33
CA LEU A 12 24.60 2.53 -1.68
C LEU A 12 25.28 3.57 -2.56
N TYR A 13 25.86 3.16 -3.68
CA TYR A 13 26.66 4.08 -4.49
C TYR A 13 25.78 5.16 -5.09
N LYS A 14 26.17 6.43 -4.89
CA LYS A 14 25.44 7.57 -5.42
C LYS A 14 23.97 7.53 -5.00
N LEU A 15 23.75 7.06 -3.76
CA LEU A 15 22.40 6.97 -3.22
C LEU A 15 21.66 8.30 -3.29
N ASP A 16 22.33 9.41 -3.00
CA ASP A 16 21.67 10.71 -3.01
C ASP A 16 21.13 11.05 -4.38
N GLN A 17 21.94 10.84 -5.41
CA GLN A 17 21.48 11.11 -6.78
C GLN A 17 20.33 10.18 -7.17
N ARG A 18 20.39 8.91 -6.78
CA ARG A 18 19.33 7.98 -7.14
C ARG A 18 18.04 8.28 -6.40
N PHE A 19 18.14 8.65 -5.12
CA PHE A 19 16.94 8.97 -4.37
C PHE A 19 16.30 10.27 -4.86
N LYS A 20 17.11 11.19 -5.39
CA LYS A 20 16.53 12.41 -5.96
C LYS A 20 15.61 12.08 -7.13
N GLN A 21 15.86 10.95 -7.81
N GLN A 21 15.85 10.95 -7.80
CA GLN A 21 15.04 10.49 -8.93
CA GLN A 21 15.05 10.50 -8.93
C GLN A 21 13.86 9.64 -8.49
C GLN A 21 13.93 9.56 -8.50
N SER A 22 13.68 9.44 -7.19
CA SER A 22 12.75 8.45 -6.66
C SER A 22 11.57 9.10 -5.97
N ARG A 23 10.52 8.28 -5.81
CA ARG A 23 9.41 8.53 -4.89
C ARG A 23 9.25 7.27 -4.06
N ILE A 24 9.38 7.38 -2.75
CA ILE A 24 9.29 6.19 -1.88
C ILE A 24 8.29 6.50 -0.78
N ASN A 25 7.15 5.82 -0.82
CA ASN A 25 6.12 5.91 0.20
C ASN A 25 6.25 4.73 1.16
N ILE A 26 6.34 5.02 2.45
CA ILE A 26 6.43 3.98 3.48
C ILE A 26 5.23 4.19 4.39
N GLU A 27 4.28 3.25 4.35
CA GLU A 27 3.05 3.38 5.13
C GLU A 27 2.86 2.14 5.98
N SER A 28 2.68 2.34 7.28
CA SER A 28 2.51 1.22 8.19
C SER A 28 1.11 1.22 8.78
N PHE A 29 0.61 0.01 9.01
CA PHE A 29 -0.68 -0.16 9.66
C PHE A 29 -0.55 -1.41 10.53
N HIS A 30 -0.85 -1.27 11.81
CA HIS A 30 -0.42 -2.25 12.82
C HIS A 30 1.09 -2.44 12.60
N SER A 31 1.57 -3.67 12.44
CA SER A 31 3.01 -3.92 12.27
C SER A 31 3.38 -4.29 10.85
N THR A 32 2.49 -4.02 9.89
CA THR A 32 2.71 -4.34 8.48
C THR A 32 3.01 -3.06 7.71
N VAL A 33 4.01 -3.11 6.83
CA VAL A 33 4.41 -1.94 6.06
C VAL A 33 4.11 -2.16 4.58
N LEU A 34 3.53 -1.15 3.94
CA LEU A 34 3.36 -1.11 2.49
C LEU A 34 4.38 -0.13 1.92
N LEU A 35 5.19 -0.58 0.97
CA LEU A 35 6.08 0.29 0.20
C LEU A 35 5.52 0.45 -1.20
N THR A 36 5.36 1.69 -1.64
CA THR A 36 4.99 1.98 -3.02
C THR A 36 5.88 3.11 -3.52
N GLY A 37 5.87 3.31 -4.84
CA GLY A 37 6.65 4.40 -5.41
C GLY A 37 7.47 3.92 -6.59
N GLN A 38 8.47 4.74 -6.96
CA GLN A 38 9.27 4.51 -8.17
C GLN A 38 10.73 4.78 -7.85
N VAL A 39 11.63 3.89 -8.27
CA VAL A 39 13.07 4.09 -8.06
C VAL A 39 13.79 3.76 -9.37
N PRO A 40 15.00 4.28 -9.56
CA PRO A 40 15.67 4.08 -10.86
C PRO A 40 16.33 2.74 -11.06
N ASP A 41 16.50 1.93 -10.02
CA ASP A 41 17.19 0.66 -10.21
C ASP A 41 16.69 -0.34 -9.18
N PRO A 42 16.87 -1.65 -9.44
CA PRO A 42 16.40 -2.64 -8.47
C PRO A 42 17.17 -2.64 -7.17
N TYR A 43 18.41 -2.12 -7.16
CA TYR A 43 19.18 -2.09 -5.92
C TYR A 43 18.52 -1.20 -4.87
N LEU A 44 18.02 -0.05 -5.30
CA LEU A 44 17.35 0.85 -4.36
C LEU A 44 16.02 0.26 -3.89
N LYS A 45 15.30 -0.42 -4.78
CA LYS A 45 14.07 -1.07 -4.39
C LYS A 45 14.32 -2.10 -3.29
N GLN A 46 15.39 -2.88 -3.43
CA GLN A 46 15.72 -3.89 -2.43
C GLN A 46 16.28 -3.26 -1.16
N LEU A 47 17.05 -2.17 -1.30
CA LEU A 47 17.59 -1.51 -0.12
C LEU A 47 16.47 -0.97 0.76
N ALA A 48 15.46 -0.37 0.13
CA ALA A 48 14.31 0.15 0.88
C ALA A 48 13.62 -0.96 1.66
N GLU A 49 13.40 -2.11 1.02
CA GLU A 49 12.81 -3.25 1.71
C GLU A 49 13.68 -3.73 2.86
N ASP A 50 15.00 -3.88 2.62
CA ASP A 50 15.90 -4.34 3.68
C ASP A 50 15.90 -3.38 4.86
N ASN A 51 15.98 -2.08 4.59
CA ASN A 51 16.01 -1.09 5.67
C ASN A 51 14.71 -1.06 6.46
N VAL A 52 13.57 -1.19 5.78
CA VAL A 52 12.29 -1.20 6.50
C VAL A 52 12.14 -2.48 7.32
N LYS A 53 12.55 -3.63 6.75
CA LYS A 53 12.43 -4.88 7.48
C LYS A 53 13.29 -4.87 8.74
N ALA A 54 14.34 -4.05 8.78
CA ALA A 54 15.25 -4.04 9.93
C ALA A 54 14.72 -3.18 11.07
N MSE A 55 13.66 -2.43 10.85
CA MSE A 55 13.12 -1.56 11.89
C MSE A 55 12.47 -2.40 12.98
O MSE A 55 11.80 -3.39 12.70
CB MSE A 55 12.11 -0.57 11.32
CG MSE A 55 12.67 0.21 10.16
SE MSE A 55 11.49 1.57 9.41
CE MSE A 55 9.86 0.59 9.15
N SER A 56 12.69 -1.99 14.22
CA SER A 56 11.99 -2.60 15.34
C SER A 56 10.49 -2.55 15.09
N ASP A 57 9.81 -3.63 15.47
CA ASP A 57 8.36 -3.73 15.51
C ASP A 57 7.72 -3.89 14.14
N VAL A 58 8.50 -4.14 13.09
CA VAL A 58 7.96 -4.37 11.75
C VAL A 58 7.88 -5.87 11.52
N LYS A 59 6.67 -6.38 11.23
CA LYS A 59 6.46 -7.82 11.10
C LYS A 59 6.50 -8.30 9.66
N ALA A 60 5.79 -7.60 8.77
CA ALA A 60 5.70 -7.97 7.36
C ALA A 60 5.84 -6.70 6.53
N VAL A 61 6.45 -6.84 5.36
CA VAL A 61 6.65 -5.74 4.42
C VAL A 61 6.20 -6.19 3.04
N HIS A 62 5.34 -5.40 2.41
CA HIS A 62 4.86 -5.61 1.05
C HIS A 62 5.50 -4.57 0.14
N ASN A 63 6.43 -5.00 -0.71
CA ASN A 63 7.24 -4.08 -1.51
C ASN A 63 6.65 -3.97 -2.91
N TYR A 64 5.84 -2.94 -3.14
CA TYR A 64 5.25 -2.69 -4.45
C TYR A 64 5.89 -1.50 -5.15
N ILE A 65 7.07 -1.08 -4.70
CA ILE A 65 7.87 -0.12 -5.47
C ILE A 65 8.12 -0.66 -6.88
N THR A 66 8.07 0.21 -7.87
CA THR A 66 8.45 -0.17 -9.21
C THR A 66 9.77 0.48 -9.60
N VAL A 67 10.43 -0.15 -10.57
CA VAL A 67 11.67 0.40 -11.13
C VAL A 67 11.30 1.14 -12.42
N GLY A 68 11.45 2.46 -12.38
CA GLY A 68 11.00 3.30 -13.48
C GLY A 68 11.01 4.74 -13.04
N ASN A 69 10.65 5.61 -13.98
CA ASN A 69 10.58 7.04 -13.71
C ASN A 69 9.48 7.35 -12.69
N LYS A 70 9.72 8.42 -11.90
CA LYS A 70 8.70 8.90 -10.97
C LYS A 70 7.45 9.30 -11.75
N VAL A 71 6.27 9.03 -11.17
CA VAL A 71 5.00 9.43 -11.76
C VAL A 71 4.87 10.95 -11.73
N SER A 72 3.91 11.47 -12.49
CA SER A 72 3.70 12.91 -12.62
C SER A 72 2.87 13.45 -11.46
N TYR A 73 2.88 14.78 -11.36
CA TYR A 73 2.04 15.46 -10.37
C TYR A 73 0.57 15.13 -10.57
N ASN A 74 0.08 15.24 -11.82
CA ASN A 74 -1.33 14.92 -12.06
C ASN A 74 -1.65 13.48 -11.65
N THR A 75 -0.71 12.55 -11.80
CA THR A 75 -0.98 11.19 -11.37
C THR A 75 -1.13 11.09 -9.85
N ILE A 76 -0.25 11.74 -9.07
CA ILE A 76 -0.44 11.60 -7.62
C ILE A 76 -1.74 12.26 -7.17
N MSE A 77 -2.18 13.32 -7.84
CA MSE A 77 -3.46 13.94 -7.47
C MSE A 77 -4.64 13.07 -7.88
O MSE A 77 -5.65 13.01 -7.17
CB MSE A 77 -3.57 15.32 -8.11
CG MSE A 77 -2.62 16.33 -7.47
SE MSE A 77 -3.04 16.54 -5.56
CE MSE A 77 -1.30 17.17 -4.92
N GLN A 78 -4.55 12.41 -9.02
CA GLN A 78 -5.60 11.46 -9.38
C GLN A 78 -5.64 10.31 -8.40
N ASP A 79 -4.46 9.78 -8.06
CA ASP A 79 -4.35 8.72 -7.05
C ASP A 79 -5.01 9.13 -5.74
N ALA A 80 -4.69 10.33 -5.23
CA ALA A 80 -5.28 10.79 -3.99
C ALA A 80 -6.79 10.85 -4.09
N GLY A 81 -7.32 11.22 -5.26
CA GLY A 81 -8.77 11.31 -5.42
C GLY A 81 -9.43 9.94 -5.40
N VAL A 82 -8.74 8.94 -5.94
CA VAL A 82 -9.22 7.56 -5.84
C VAL A 82 -9.28 7.13 -4.38
N THR A 83 -8.20 7.39 -3.64
CA THR A 83 -8.19 7.08 -2.21
C THR A 83 -9.31 7.80 -1.48
N ALA A 84 -9.50 9.11 -1.74
CA ALA A 84 -10.58 9.85 -1.09
C ALA A 84 -11.94 9.27 -1.43
N ASN A 85 -12.15 8.87 -2.68
CA ASN A 85 -13.41 8.25 -3.07
C ASN A 85 -13.61 6.93 -2.35
N THR A 86 -12.53 6.15 -2.16
CA THR A 86 -12.65 4.87 -1.49
C THR A 86 -13.00 5.06 -0.02
N ARG A 87 -12.33 5.99 0.65
CA ARG A 87 -12.61 6.26 2.06
C ARG A 87 -14.06 6.69 2.27
N ALA A 88 -14.60 7.50 1.35
CA ALA A 88 -16.00 7.90 1.46
C ALA A 88 -16.93 6.71 1.35
N LEU A 89 -16.67 5.80 0.40
CA LEU A 89 -17.49 4.61 0.27
C LEU A 89 -17.37 3.70 1.49
N LEU A 90 -16.19 3.65 2.11
CA LEU A 90 -16.01 2.79 3.28
C LEU A 90 -16.77 3.33 4.50
N MSE A 91 -16.76 4.63 4.74
N MSE A 91 -16.72 4.64 4.72
CA MSE A 91 -17.48 5.10 5.91
CA MSE A 91 -17.48 5.27 5.80
C MSE A 91 -18.99 5.01 5.71
C MSE A 91 -18.94 4.90 5.70
O MSE A 91 -19.75 5.09 6.68
O MSE A 91 -19.60 4.65 6.71
CB MSE A 91 -17.06 6.52 6.31
CB MSE A 91 -17.33 6.80 5.75
CG MSE A 91 -17.02 7.55 5.21
CG MSE A 91 -17.85 7.52 6.99
SE MSE A 91 -15.78 8.98 5.70
SE MSE A 91 -19.62 8.35 6.79
CE MSE A 91 -16.44 9.37 7.50
CE MSE A 91 -19.02 10.21 6.72
N LYS A 92 -19.43 4.83 4.47
CA LYS A 92 -20.84 4.56 4.19
C LYS A 92 -21.19 3.09 4.16
N ALA A 93 -20.19 2.21 4.24
CA ALA A 93 -20.42 0.79 4.09
C ALA A 93 -21.23 0.24 5.27
N PRO A 94 -22.02 -0.82 5.03
CA PRO A 94 -22.82 -1.39 6.14
C PRO A 94 -22.01 -2.10 7.20
N VAL A 95 -20.97 -2.85 6.81
CA VAL A 95 -20.25 -3.74 7.71
C VAL A 95 -18.84 -3.23 7.97
N VAL A 96 -18.03 -3.09 6.92
CA VAL A 96 -16.63 -2.76 7.10
C VAL A 96 -16.50 -1.31 7.54
N SER A 97 -15.56 -1.04 8.43
CA SER A 97 -15.38 0.29 9.00
C SER A 97 -14.21 1.00 8.33
N ASP A 98 -14.34 2.33 8.20
N ASP A 98 -14.33 2.33 8.22
CA ASP A 98 -13.27 3.13 7.62
CA ASP A 98 -13.26 3.11 7.61
C ASP A 98 -11.99 3.01 8.46
C ASP A 98 -12.00 3.12 8.47
N SER A 99 -12.14 2.92 9.78
CA SER A 99 -10.99 2.92 10.67
C SER A 99 -10.14 1.66 10.56
N LYS A 100 -10.66 0.59 9.97
CA LYS A 100 -9.99 -0.70 10.04
C LYS A 100 -9.09 -1.00 8.85
N VAL A 101 -9.05 -0.15 7.82
CA VAL A 101 -8.17 -0.41 6.69
C VAL A 101 -7.37 0.85 6.36
N LEU A 102 -6.16 0.62 5.87
CA LEU A 102 -5.36 1.68 5.26
C LEU A 102 -5.56 1.60 3.75
N VAL A 103 -5.81 2.76 3.13
CA VAL A 103 -6.03 2.84 1.70
C VAL A 103 -4.93 3.69 1.09
N HIS A 104 -4.29 3.18 0.04
CA HIS A 104 -3.32 3.95 -0.71
C HIS A 104 -3.44 3.64 -2.19
N THR A 105 -3.37 4.66 -3.04
CA THR A 105 -3.38 4.47 -4.48
C THR A 105 -2.06 4.99 -5.04
N GLU A 106 -1.38 4.15 -5.82
CA GLU A 106 -0.13 4.56 -6.47
C GLU A 106 -0.21 4.19 -7.93
N ASP A 107 -0.13 5.19 -8.81
CA ASP A 107 -0.14 4.99 -10.26
C ASP A 107 -1.33 4.14 -10.70
N GLY A 108 -2.50 4.42 -10.13
CA GLY A 108 -3.71 3.73 -10.52
C GLY A 108 -3.94 2.39 -9.88
N VAL A 109 -3.06 1.93 -8.99
CA VAL A 109 -3.26 0.68 -8.27
C VAL A 109 -3.77 1.02 -6.88
N LEU A 110 -4.94 0.48 -6.54
CA LEU A 110 -5.57 0.69 -5.24
C LEU A 110 -5.09 -0.39 -4.27
N TYR A 111 -4.41 0.02 -3.20
CA TYR A 111 -3.97 -0.91 -2.16
C TYR A 111 -4.85 -0.73 -0.94
N VAL A 112 -5.34 -1.85 -0.39
CA VAL A 112 -6.09 -1.81 0.86
C VAL A 112 -5.48 -2.84 1.79
N MSE A 113 -5.15 -2.42 3.00
CA MSE A 113 -4.41 -3.25 3.95
C MSE A 113 -5.07 -3.19 5.33
O MSE A 113 -5.59 -2.14 5.72
CB MSE A 113 -2.96 -2.78 4.00
CG MSE A 113 -1.98 -3.67 4.74
SE MSE A 113 -0.14 -2.98 4.52
CE MSE A 113 -0.52 -1.05 4.83
N GLY A 114 -5.09 -4.29 6.06
CA GLY A 114 -5.61 -4.25 7.41
C GLY A 114 -5.98 -5.64 7.90
N ARG A 115 -6.66 -5.64 9.05
CA ARG A 115 -7.14 -6.84 9.72
C ARG A 115 -8.66 -6.81 9.80
N LEU A 116 -9.31 -7.77 9.17
CA LEU A 116 -10.76 -7.83 9.06
C LEU A 116 -11.27 -9.23 9.32
N ASN A 117 -12.55 -9.36 9.62
CA ASN A 117 -13.19 -10.67 9.65
C ASN A 117 -13.82 -10.95 8.30
N THR A 118 -14.42 -12.14 8.15
CA THR A 118 -14.92 -12.55 6.85
C THR A 118 -16.05 -11.64 6.38
N ALA A 119 -16.99 -11.33 7.27
CA ALA A 119 -18.09 -10.43 6.91
C ALA A 119 -17.56 -9.08 6.44
N GLU A 120 -16.55 -8.55 7.13
CA GLU A 120 -16.00 -7.25 6.74
C GLU A 120 -15.25 -7.34 5.41
N ILE A 121 -14.59 -8.48 5.15
CA ILE A 121 -13.87 -8.65 3.89
C ILE A 121 -14.85 -8.70 2.71
N ASN A 122 -15.98 -9.39 2.89
CA ASN A 122 -16.95 -9.49 1.81
C ASN A 122 -17.55 -8.12 1.49
N ASP A 123 -17.84 -7.34 2.52
CA ASP A 123 -18.31 -5.97 2.33
C ASP A 123 -17.26 -5.13 1.62
N LEU A 124 -16.00 -5.26 2.05
CA LEU A 124 -14.92 -4.51 1.43
C LEU A 124 -14.81 -4.81 -0.06
N ASN A 125 -14.86 -6.10 -0.42
CA ASN A 125 -14.77 -6.47 -1.83
C ASN A 125 -15.92 -5.86 -2.62
N ASN A 126 -17.12 -5.79 -2.01
CA ASN A 126 -18.25 -5.15 -2.67
C ASN A 126 -18.01 -3.66 -2.89
N VAL A 127 -17.40 -2.99 -1.91
CA VAL A 127 -17.12 -1.57 -2.03
C VAL A 127 -16.06 -1.31 -3.09
N LEU A 128 -15.01 -2.12 -3.13
CA LEU A 128 -13.89 -1.81 -4.01
C LEU A 128 -14.27 -1.93 -5.48
N GLN A 129 -15.23 -2.79 -5.81
CA GLN A 129 -15.69 -2.89 -7.19
C GLN A 129 -16.37 -1.60 -7.66
N ASN A 130 -16.73 -0.70 -6.74
CA ASN A 130 -17.42 0.54 -7.07
C ASN A 130 -16.49 1.73 -7.15
N VAL A 131 -15.18 1.52 -7.21
CA VAL A 131 -14.22 2.63 -7.23
C VAL A 131 -13.74 2.81 -8.67
N GLY A 132 -13.90 4.03 -9.20
CA GLY A 132 -13.43 4.33 -10.54
C GLY A 132 -11.98 4.76 -10.58
N ASN A 133 -11.43 4.76 -11.80
CA ASN A 133 -10.06 5.21 -12.08
C ASN A 133 -9.02 4.29 -11.44
N VAL A 134 -9.30 3.00 -11.44
CA VAL A 134 -8.44 1.98 -10.82
C VAL A 134 -8.13 0.92 -11.87
N THR A 135 -6.84 0.73 -12.18
CA THR A 135 -6.49 -0.33 -13.13
C THR A 135 -6.31 -1.68 -12.46
N LYS A 136 -6.04 -1.70 -11.15
CA LYS A 136 -5.78 -2.95 -10.45
C LYS A 136 -6.02 -2.71 -8.97
N ILE A 137 -6.56 -3.72 -8.28
CA ILE A 137 -6.79 -3.67 -6.85
C ILE A 137 -5.90 -4.72 -6.20
N VAL A 138 -5.16 -4.33 -5.17
CA VAL A 138 -4.33 -5.23 -4.39
C VAL A 138 -4.83 -5.17 -2.96
N THR A 139 -5.50 -6.24 -2.51
CA THR A 139 -5.90 -6.29 -1.10
C THR A 139 -4.83 -7.03 -0.31
N LEU A 140 -4.49 -6.46 0.83
CA LEU A 140 -3.50 -7.04 1.72
C LEU A 140 -4.19 -7.23 3.07
N ILE A 141 -5.21 -8.07 3.11
CA ILE A 141 -6.04 -8.21 4.30
C ILE A 141 -5.67 -9.50 5.02
N ASP A 142 -5.45 -9.39 6.33
CA ASP A 142 -5.35 -10.54 7.20
C ASP A 142 -6.74 -10.83 7.79
N ASN A 143 -7.28 -12.01 7.49
CA ASN A 143 -8.58 -12.41 8.04
C ASN A 143 -8.39 -12.89 9.48
N ILE A 144 -8.88 -12.11 10.44
CA ILE A 144 -8.72 -12.45 11.85
C ILE A 144 -9.50 -13.68 12.27
N ASP A 145 -10.44 -14.15 11.44
CA ASP A 145 -11.18 -15.37 11.71
C ASP A 145 -10.43 -16.62 11.26
N LEU A 146 -9.26 -16.49 10.66
CA LEU A 146 -8.49 -17.66 10.27
C LEU A 146 -7.88 -18.31 11.50
N ALA A 147 -8.08 -19.61 11.65
CA ALA A 147 -7.50 -20.30 12.80
C ALA A 147 -5.98 -20.15 12.77
N PRO A 148 -5.34 -19.94 13.91
CA PRO A 148 -3.87 -19.89 13.92
C PRO A 148 -3.29 -21.26 13.67
N ALA A 149 -2.08 -21.27 13.10
CA ALA A 149 -1.43 -22.52 12.77
C ALA A 149 -1.12 -23.30 14.04
N PRO A 150 -1.14 -24.64 13.98
CA PRO A 150 -0.78 -25.42 15.16
C PRO A 150 0.69 -25.22 15.52
N ALA A 151 1.00 -25.44 16.80
CA ALA A 151 2.36 -25.29 17.30
C ALA A 151 3.32 -26.27 16.61
ZN ZN B . 3.09 -8.99 -0.17
ZN ZN C . -0.89 6.72 0.99
ZN ZN D . -2.47 -3.24 15.80
ZN ZN E . 11.71 -9.68 -1.01
#